data_4E1E
#
_entry.id   4E1E
#
_cell.length_a   58.575
_cell.length_b   58.575
_cell.length_c   393.933
_cell.angle_alpha   90.000
_cell.angle_beta   90.000
_cell.angle_gamma   120.000
#
_symmetry.space_group_name_H-M   'P 61 2 2'
#
loop_
_entity.id
_entity.type
_entity.pdbx_description
1 polymer 'Farnesyl pyrophosphate synthase'
2 non-polymer 'MAGNESIUM ION'
3 non-polymer '[2-(hexylamino)ethane-1,1-diyl]bis(phosphonic acid)'
4 non-polymer '3-METHYLBUT-3-ENYL TRIHYDROGEN DIPHOSPHATE'
5 non-polymer 'SODIUM ION'
6 water water
#
_entity_poly.entity_id   1
_entity_poly.type   'polypeptide(L)'
_entity_poly.pdbx_seq_one_letter_code
;ASMERFLSVYDEVQAFLLDQLQSKYEIDPNRARYLRIMMDTTCLGGKYFRGMTVVNVAEGFLAVTQHDEATKERILHDAC
VGGWMIEFLQAHYLVEDDIMDGSVMRRGKPCWYRFPGVTTQCAINDGIILKSWTQIMAWHYFADRPFLKDLLCLFQKVDY
ATAVGQMYDVTSMCDSNKLDPEVAQPMTTDFAEFTPAIYKRIVKYKTTFYTYLLPLVMGLFVSEAAASVEMNLVERVAHL
IGEYFQVQDDVMDCFTPPEQLGKVGTDIEDAKCSWLAVTFLGKANAAQVAEFKANYGDKDPAKVAVVKRLYSEANLQADF
AAYEAEVVREVESLIEQLKVKSPTFAESVAVVWEKTHKRKK
;
_entity_poly.pdbx_strand_id   A
#
loop_
_chem_comp.id
_chem_comp.type
_chem_comp.name
_chem_comp.formula
0MW non-polymer '[2-(hexylamino)ethane-1,1-diyl]bis(phosphonic acid)' 'C8 H21 N O6 P2'
IPE non-polymer '3-METHYLBUT-3-ENYL TRIHYDROGEN DIPHOSPHATE' 'C5 H12 O7 P2'
MG non-polymer 'MAGNESIUM ION' 'Mg 2'
NA non-polymer 'SODIUM ION' 'Na 1'
#
# COMPACT_ATOMS: atom_id res chain seq x y z
N ALA A 1 -5.55 -22.21 -5.95
CA ALA A 1 -5.41 -23.15 -4.78
C ALA A 1 -5.55 -22.38 -3.48
N SER A 2 -4.89 -21.22 -3.42
CA SER A 2 -4.95 -20.34 -2.27
C SER A 2 -5.78 -19.10 -2.58
N MET A 3 -5.68 -18.61 -3.83
CA MET A 3 -6.44 -17.46 -4.31
C MET A 3 -7.93 -17.69 -4.23
N GLU A 4 -8.35 -18.90 -4.56
CA GLU A 4 -9.78 -19.27 -4.55
C GLU A 4 -10.29 -19.46 -3.15
N ARG A 5 -9.41 -19.96 -2.29
CA ARG A 5 -9.68 -20.04 -0.86
C ARG A 5 -9.75 -18.63 -0.27
N PHE A 6 -8.87 -17.75 -0.73
CA PHE A 6 -8.87 -16.35 -0.27
C PHE A 6 -10.20 -15.67 -0.57
N LEU A 7 -10.62 -15.72 -1.84
CA LEU A 7 -11.80 -14.99 -2.27
C LEU A 7 -13.10 -15.55 -1.72
N SER A 8 -13.05 -16.81 -1.27
CA SER A 8 -14.21 -17.45 -0.67
C SER A 8 -14.44 -16.88 0.73
N VAL A 9 -13.36 -16.59 1.43
CA VAL A 9 -13.42 -16.06 2.78
C VAL A 9 -13.94 -14.62 2.84
N TYR A 10 -13.81 -13.88 1.74
CA TYR A 10 -14.37 -12.52 1.66
C TYR A 10 -15.87 -12.58 1.75
N ASP A 11 -16.48 -13.50 1.00
CA ASP A 11 -17.94 -13.66 0.95
C ASP A 11 -18.47 -14.03 2.32
N GLU A 12 -17.71 -14.87 3.01
CA GLU A 12 -17.99 -15.30 4.37
C GLU A 12 -17.88 -14.13 5.36
N VAL A 13 -16.81 -13.35 5.23
CA VAL A 13 -16.62 -12.15 6.06
C VAL A 13 -17.68 -11.09 5.78
N GLN A 14 -17.97 -10.83 4.49
CA GLN A 14 -18.98 -9.85 4.08
C GLN A 14 -20.38 -10.18 4.62
N ALA A 15 -20.76 -11.45 4.53
CA ALA A 15 -22.03 -11.94 5.08
C ALA A 15 -22.10 -11.77 6.62
N PHE A 16 -21.04 -12.19 7.32
CA PHE A 16 -21.02 -12.01 8.78
C PHE A 16 -21.09 -10.53 9.17
N LEU A 17 -20.49 -9.67 8.36
CA LEU A 17 -20.55 -8.23 8.59
C LEU A 17 -21.94 -7.65 8.33
N LEU A 18 -22.49 -7.94 7.15
CA LEU A 18 -23.81 -7.42 6.73
C LEU A 18 -24.98 -7.99 7.52
N ASP A 19 -24.86 -9.23 7.99
CA ASP A 19 -25.89 -9.84 8.84
C ASP A 19 -25.91 -9.20 10.23
N GLN A 20 -24.72 -8.91 10.75
CA GLN A 20 -24.56 -8.29 12.06
C GLN A 20 -25.20 -6.91 12.07
N LEU A 21 -25.15 -6.24 10.91
CA LEU A 21 -25.79 -4.95 10.76
C LEU A 21 -27.30 -5.06 10.86
N GLN A 22 -27.84 -6.14 10.28
CA GLN A 22 -29.28 -6.44 10.36
C GLN A 22 -29.70 -6.80 11.80
N SER A 23 -28.95 -7.70 12.41
CA SER A 23 -29.29 -8.28 13.71
C SER A 23 -28.81 -7.51 14.94
N LYS A 24 -27.87 -6.57 14.76
CA LYS A 24 -27.47 -5.70 15.87
C LYS A 24 -27.58 -4.19 15.59
N TYR A 25 -27.49 -3.80 14.33
CA TYR A 25 -27.33 -2.38 14.03
C TYR A 25 -28.54 -1.76 13.31
N GLU A 26 -29.66 -2.50 13.34
CA GLU A 26 -30.97 -2.01 12.92
C GLU A 26 -30.99 -1.49 11.49
N ILE A 27 -30.12 -2.06 10.66
CA ILE A 27 -29.96 -1.56 9.31
C ILE A 27 -31.14 -1.94 8.43
N ASP A 28 -31.54 -0.99 7.60
CA ASP A 28 -32.55 -1.25 6.61
C ASP A 28 -31.86 -1.91 5.40
N PRO A 29 -32.61 -2.75 4.66
CA PRO A 29 -32.08 -3.44 3.48
C PRO A 29 -31.39 -2.57 2.42
N ASN A 30 -31.88 -1.36 2.16
CA ASN A 30 -31.27 -0.50 1.12
C ASN A 30 -29.87 0.02 1.50
N ARG A 31 -29.68 0.28 2.81
CA ARG A 31 -28.38 0.69 3.33
C ARG A 31 -27.42 -0.48 3.43
N ALA A 32 -27.94 -1.64 3.85
CA ALA A 32 -27.16 -2.88 3.82
C ALA A 32 -26.68 -3.15 2.39
N ARG A 33 -27.54 -2.86 1.42
CA ARG A 33 -27.19 -2.99 0.02
C ARG A 33 -26.09 -2.00 -0.33
N TYR A 34 -26.32 -0.73 0.01
CA TYR A 34 -25.35 0.33 -0.27
C TYR A 34 -23.95 -0.09 0.19
N LEU A 35 -23.88 -0.52 1.45
CA LEU A 35 -22.63 -0.94 2.06
C LEU A 35 -22.00 -2.18 1.41
N ARG A 36 -22.83 -3.08 0.88
CA ARG A 36 -22.35 -4.21 0.10
C ARG A 36 -21.61 -3.74 -1.17
N ILE A 37 -22.21 -2.82 -1.92
CA ILE A 37 -21.58 -2.28 -3.14
C ILE A 37 -20.31 -1.50 -2.76
N MET A 38 -20.40 -0.71 -1.69
CA MET A 38 -19.24 -0.02 -1.12
C MET A 38 -18.10 -1.00 -0.82
N MET A 39 -18.40 -2.04 -0.06
CA MET A 39 -17.40 -3.06 0.27
C MET A 39 -16.78 -3.63 -1.00
N ASP A 40 -17.63 -4.14 -1.89
CA ASP A 40 -17.21 -4.69 -3.19
C ASP A 40 -16.29 -3.75 -3.98
N THR A 41 -16.78 -2.54 -4.27
CA THR A 41 -16.05 -1.55 -5.07
C THR A 41 -14.67 -1.16 -4.51
N THR A 42 -14.54 -1.19 -3.19
CA THR A 42 -13.36 -0.66 -2.49
C THR A 42 -12.36 -1.73 -2.03
N CYS A 43 -12.84 -2.96 -1.80
CA CYS A 43 -11.99 -4.07 -1.32
C CYS A 43 -11.56 -5.04 -2.42
N LEU A 44 -12.41 -5.21 -3.43
CA LEU A 44 -12.11 -6.09 -4.57
C LEU A 44 -11.66 -5.29 -5.77
N GLY A 45 -10.98 -5.95 -6.71
CA GLY A 45 -10.62 -5.34 -7.98
C GLY A 45 -9.13 -5.16 -8.09
N GLY A 46 -8.46 -5.21 -6.94
CA GLY A 46 -7.01 -5.02 -6.86
C GLY A 46 -6.23 -6.32 -6.99
N LYS A 47 -4.92 -6.22 -6.81
CA LYS A 47 -3.99 -7.32 -7.03
C LYS A 47 -3.97 -8.35 -5.91
N TYR A 48 -4.45 -7.95 -4.74
CA TYR A 48 -4.49 -8.78 -3.51
C TYR A 48 -3.10 -9.27 -3.07
N PHE A 49 -2.07 -8.49 -3.42
CA PHE A 49 -0.70 -8.81 -3.03
C PHE A 49 -0.55 -8.90 -1.51
N ARG A 50 -1.15 -7.96 -0.80
CA ARG A 50 -1.02 -7.88 0.66
C ARG A 50 -1.71 -9.05 1.35
N GLY A 51 -2.95 -9.30 0.97
CA GLY A 51 -3.68 -10.46 1.44
C GLY A 51 -2.99 -11.78 1.12
N MET A 52 -2.62 -11.97 -0.14
CA MET A 52 -2.03 -13.24 -0.56
C MET A 52 -0.62 -13.49 -0.01
N THR A 53 0.00 -12.46 0.57
CA THR A 53 1.27 -12.64 1.25
C THR A 53 1.04 -13.37 2.58
N VAL A 54 0.01 -12.96 3.31
CA VAL A 54 -0.36 -13.59 4.56
C VAL A 54 -0.57 -15.09 4.32
N VAL A 55 -1.34 -15.42 3.30
CA VAL A 55 -1.70 -16.80 2.95
C VAL A 55 -0.51 -17.62 2.42
N ASN A 56 0.30 -17.03 1.53
CA ASN A 56 1.50 -17.69 1.04
C ASN A 56 2.51 -17.98 2.17
N VAL A 57 2.69 -17.01 3.07
CA VAL A 57 3.56 -17.19 4.25
C VAL A 57 3.04 -18.32 5.14
N ALA A 58 1.73 -18.36 5.37
CA ALA A 58 1.11 -19.41 6.16
C ALA A 58 1.23 -20.78 5.52
N GLU A 59 0.88 -20.89 4.24
CA GLU A 59 1.05 -22.13 3.46
C GLU A 59 2.48 -22.62 3.51
N GLY A 60 3.42 -21.70 3.34
CA GLY A 60 4.84 -22.00 3.47
C GLY A 60 5.09 -22.87 4.69
N PHE A 61 4.78 -22.33 5.86
CA PHE A 61 4.97 -23.02 7.15
C PHE A 61 4.15 -24.32 7.34
N LEU A 62 3.02 -24.43 6.66
CA LEU A 62 2.14 -25.61 6.75
C LEU A 62 2.65 -26.83 5.99
N ALA A 63 3.70 -26.64 5.20
CA ALA A 63 4.29 -27.71 4.40
C ALA A 63 5.41 -28.41 5.17
N VAL A 64 6.00 -27.68 6.12
CA VAL A 64 7.07 -28.18 6.99
C VAL A 64 6.62 -28.52 8.42
N THR A 65 5.51 -27.93 8.86
CA THR A 65 5.06 -28.08 10.23
C THR A 65 3.99 -29.17 10.34
N GLN A 66 4.18 -30.07 11.30
CA GLN A 66 3.22 -31.14 11.61
C GLN A 66 2.00 -30.56 12.32
N HIS A 67 0.84 -30.72 11.68
CA HIS A 67 -0.44 -30.29 12.23
C HIS A 67 -1.49 -31.34 11.89
N ASP A 68 -2.56 -31.38 12.68
CA ASP A 68 -3.73 -32.16 12.31
C ASP A 68 -4.49 -31.45 11.18
N GLU A 69 -5.25 -32.22 10.40
CA GLU A 69 -6.03 -31.65 9.30
C GLU A 69 -6.85 -30.43 9.73
N ALA A 70 -7.44 -30.48 10.92
CA ALA A 70 -8.28 -29.38 11.44
C ALA A 70 -7.49 -28.09 11.73
N THR A 71 -6.28 -28.24 12.24
CA THR A 71 -5.41 -27.11 12.55
C THR A 71 -4.91 -26.46 11.26
N LYS A 72 -4.67 -27.29 10.24
CA LYS A 72 -4.30 -26.81 8.90
C LYS A 72 -5.44 -26.01 8.30
N GLU A 73 -6.67 -26.49 8.48
CA GLU A 73 -7.86 -25.78 8.07
C GLU A 73 -8.01 -24.45 8.80
N ARG A 74 -7.71 -24.46 10.10
CA ARG A 74 -7.81 -23.28 10.95
C ARG A 74 -6.78 -22.21 10.56
N ILE A 75 -5.53 -22.62 10.38
CA ILE A 75 -4.44 -21.68 10.05
C ILE A 75 -4.68 -21.01 8.70
N LEU A 76 -5.15 -21.79 7.73
CA LEU A 76 -5.46 -21.29 6.39
C LEU A 76 -6.64 -20.31 6.40
N HIS A 77 -7.59 -20.54 7.31
CA HIS A 77 -8.72 -19.63 7.46
C HIS A 77 -8.35 -18.31 8.16
N ASP A 78 -7.58 -18.40 9.25
CA ASP A 78 -7.06 -17.22 9.95
C ASP A 78 -6.25 -16.34 8.99
N ALA A 79 -5.48 -16.99 8.10
CA ALA A 79 -4.60 -16.29 7.17
C ALA A 79 -5.38 -15.51 6.12
N CYS A 80 -6.51 -16.07 5.70
CA CYS A 80 -7.36 -15.38 4.76
C CYS A 80 -8.05 -14.19 5.40
N VAL A 81 -8.58 -14.38 6.62
CA VAL A 81 -9.20 -13.31 7.39
C VAL A 81 -8.21 -12.18 7.65
N GLY A 82 -7.00 -12.52 8.09
CA GLY A 82 -5.93 -11.54 8.28
C GLY A 82 -5.61 -10.81 6.98
N GLY A 83 -5.55 -11.57 5.89
CA GLY A 83 -5.37 -10.99 4.56
C GLY A 83 -6.42 -9.97 4.24
N TRP A 84 -7.68 -10.30 4.52
CA TRP A 84 -8.76 -9.36 4.34
C TRP A 84 -8.73 -8.16 5.29
N MET A 85 -8.21 -8.36 6.50
CA MET A 85 -7.95 -7.25 7.42
C MET A 85 -7.08 -6.21 6.73
N ILE A 86 -5.95 -6.65 6.16
CA ILE A 86 -5.04 -5.74 5.46
C ILE A 86 -5.68 -5.18 4.17
N GLU A 87 -6.49 -5.98 3.51
CA GLU A 87 -7.14 -5.53 2.27
C GLU A 87 -8.21 -4.49 2.56
N PHE A 88 -8.91 -4.63 3.69
CA PHE A 88 -9.93 -3.66 4.10
C PHE A 88 -9.25 -2.36 4.57
N LEU A 89 -8.04 -2.51 5.14
CA LEU A 89 -7.26 -1.37 5.61
C LEU A 89 -6.74 -0.56 4.44
N GLN A 90 -6.35 -1.25 3.36
CA GLN A 90 -6.00 -0.53 2.14
C GLN A 90 -7.20 0.08 1.43
N ALA A 91 -8.34 -0.58 1.48
CA ALA A 91 -9.56 -0.02 0.93
C ALA A 91 -9.76 1.35 1.56
N HIS A 92 -9.60 1.38 2.89
CA HIS A 92 -9.76 2.57 3.69
C HIS A 92 -8.79 3.66 3.24
N TYR A 93 -7.52 3.28 3.01
CA TYR A 93 -6.50 4.24 2.59
C TYR A 93 -6.82 4.82 1.22
N LEU A 94 -7.14 3.96 0.26
CA LEU A 94 -7.39 4.39 -1.11
C LEU A 94 -8.57 5.38 -1.23
N VAL A 95 -9.68 5.05 -0.58
CA VAL A 95 -10.83 5.95 -0.50
C VAL A 95 -10.40 7.32 -0.01
N GLU A 96 -9.64 7.35 1.09
CA GLU A 96 -9.20 8.61 1.69
C GLU A 96 -8.10 9.30 0.88
N ASP A 97 -7.18 8.51 0.33
CA ASP A 97 -6.12 9.03 -0.52
C ASP A 97 -6.67 9.69 -1.79
N ASP A 98 -7.66 9.05 -2.41
CA ASP A 98 -8.21 9.57 -3.64
C ASP A 98 -8.78 10.97 -3.48
N ILE A 99 -9.56 11.18 -2.42
CA ILE A 99 -10.07 12.51 -2.10
C ILE A 99 -8.90 13.48 -1.85
N MET A 100 -7.89 13.00 -1.13
CA MET A 100 -6.73 13.82 -0.81
C MET A 100 -5.88 14.17 -2.03
N ASP A 101 -5.89 13.30 -3.04
CA ASP A 101 -5.14 13.51 -4.27
C ASP A 101 -6.00 14.00 -5.43
N GLY A 102 -7.29 14.21 -5.16
CA GLY A 102 -8.26 14.61 -6.19
C GLY A 102 -8.28 13.70 -7.40
N SER A 103 -8.15 12.38 -7.16
CA SER A 103 -8.10 11.39 -8.24
C SER A 103 -9.46 11.13 -8.91
N VAL A 104 -9.41 10.55 -10.11
CA VAL A 104 -10.63 10.32 -10.92
C VAL A 104 -10.95 8.84 -11.14
N MET A 105 -9.93 8.01 -11.35
CA MET A 105 -10.10 6.58 -11.63
C MET A 105 -9.32 5.73 -10.63
N ARG A 106 -9.86 4.54 -10.31
CA ARG A 106 -9.21 3.60 -9.38
C ARG A 106 -9.69 2.16 -9.62
N ARG A 107 -8.72 1.25 -9.79
CA ARG A 107 -8.97 -0.14 -10.20
C ARG A 107 -9.91 -0.23 -11.40
N GLY A 108 -9.67 0.62 -12.39
CA GLY A 108 -10.42 0.58 -13.65
C GLY A 108 -11.78 1.27 -13.62
N LYS A 109 -12.22 1.65 -12.42
CA LYS A 109 -13.51 2.29 -12.24
C LYS A 109 -13.32 3.71 -11.68
N PRO A 110 -14.40 4.50 -11.56
CA PRO A 110 -14.20 5.81 -10.93
C PRO A 110 -13.81 5.65 -9.47
N CYS A 111 -13.08 6.64 -8.93
CA CYS A 111 -12.78 6.70 -7.50
C CYS A 111 -14.08 6.65 -6.71
N TRP A 112 -14.03 6.10 -5.49
CA TRP A 112 -15.27 5.91 -4.73
C TRP A 112 -16.06 7.20 -4.55
N TYR A 113 -15.36 8.30 -4.30
CA TYR A 113 -16.03 9.57 -4.05
C TYR A 113 -16.62 10.13 -5.35
N ARG A 114 -16.01 9.78 -6.48
CA ARG A 114 -16.46 10.24 -7.78
C ARG A 114 -17.72 9.53 -8.30
N PHE A 115 -18.09 8.40 -7.70
CA PHE A 115 -19.37 7.72 -7.99
C PHE A 115 -20.50 8.73 -7.79
N PRO A 116 -21.40 8.84 -8.78
CA PRO A 116 -22.44 9.87 -8.76
C PRO A 116 -23.28 9.88 -7.47
N GLY A 117 -23.64 8.69 -7.00
CA GLY A 117 -24.48 8.57 -5.81
C GLY A 117 -23.72 8.33 -4.51
N VAL A 118 -22.47 8.79 -4.48
CA VAL A 118 -21.66 8.69 -3.27
C VAL A 118 -21.27 10.09 -2.78
N THR A 119 -20.44 10.80 -3.55
CA THR A 119 -19.88 12.12 -3.20
C THR A 119 -18.89 12.08 -2.01
N THR A 120 -18.00 13.09 -1.97
CA THR A 120 -17.01 13.26 -0.91
C THR A 120 -17.63 13.13 0.50
N GLN A 121 -18.86 13.63 0.64
CA GLN A 121 -19.54 13.69 1.92
C GLN A 121 -19.76 12.32 2.56
N CYS A 122 -20.09 11.32 1.74
CA CYS A 122 -20.35 9.96 2.21
C CYS A 122 -19.09 9.07 2.22
N ALA A 123 -18.29 9.20 1.16
CA ALA A 123 -17.03 8.47 1.02
C ALA A 123 -16.13 8.57 2.24
N ILE A 124 -16.03 9.78 2.83
CA ILE A 124 -15.26 9.99 4.05
C ILE A 124 -15.72 9.00 5.15
N ASN A 125 -17.03 8.97 5.41
CA ASN A 125 -17.58 8.02 6.37
C ASN A 125 -17.43 6.57 5.90
N ASP A 126 -17.62 6.33 4.61
CA ASP A 126 -17.38 4.98 4.05
C ASP A 126 -15.96 4.49 4.36
N GLY A 127 -14.98 5.38 4.22
CA GLY A 127 -13.59 5.11 4.60
C GLY A 127 -13.46 4.74 6.07
N ILE A 128 -14.15 5.47 6.93
CA ILE A 128 -14.13 5.20 8.36
C ILE A 128 -14.71 3.82 8.65
N ILE A 129 -15.79 3.49 7.96
CA ILE A 129 -16.43 2.18 8.12
C ILE A 129 -15.46 1.06 7.70
N LEU A 130 -14.76 1.28 6.59
CA LEU A 130 -13.81 0.31 6.08
C LEU A 130 -12.75 0.01 7.14
N LYS A 131 -12.22 1.07 7.76
CA LYS A 131 -11.31 0.93 8.87
C LYS A 131 -12.00 0.12 9.97
N SER A 132 -13.16 0.58 10.42
CA SER A 132 -13.87 -0.06 11.52
C SER A 132 -14.11 -1.54 11.28
N TRP A 133 -14.33 -1.91 10.03
CA TRP A 133 -14.52 -3.32 9.71
C TRP A 133 -13.30 -4.15 10.09
N THR A 134 -12.09 -3.66 9.82
CA THR A 134 -10.85 -4.38 10.16
C THR A 134 -10.83 -4.88 11.61
N GLN A 135 -11.34 -4.05 12.53
CA GLN A 135 -11.32 -4.36 13.95
C GLN A 135 -12.43 -5.34 14.37
N ILE A 136 -13.64 -5.15 13.86
CA ILE A 136 -14.73 -6.09 14.08
C ILE A 136 -14.37 -7.49 13.60
N MET A 137 -13.83 -7.58 12.37
CA MET A 137 -13.25 -8.82 11.84
C MET A 137 -12.30 -9.43 12.84
N ALA A 138 -11.34 -8.64 13.29
CA ALA A 138 -10.28 -9.11 14.19
C ALA A 138 -10.89 -9.72 15.46
N TRP A 139 -11.60 -8.90 16.21
CA TRP A 139 -12.20 -9.37 17.46
C TRP A 139 -13.16 -10.53 17.29
N HIS A 140 -13.82 -10.63 16.15
CA HIS A 140 -14.76 -11.71 15.96
C HIS A 140 -14.05 -13.06 15.71
N TYR A 141 -13.18 -13.08 14.70
CA TYR A 141 -12.57 -14.32 14.25
C TYR A 141 -11.39 -14.71 15.10
N PHE A 142 -10.75 -13.73 15.74
CA PHE A 142 -9.51 -13.97 16.47
C PHE A 142 -9.61 -13.79 17.97
N ALA A 143 -10.83 -13.64 18.49
CA ALA A 143 -11.08 -13.47 19.93
C ALA A 143 -10.27 -14.45 20.81
N ASP A 144 -10.34 -15.73 20.48
CA ASP A 144 -9.74 -16.81 21.28
C ASP A 144 -8.38 -17.32 20.78
N ARG A 145 -7.68 -16.50 20.00
CA ARG A 145 -6.40 -16.89 19.41
C ARG A 145 -5.25 -16.36 20.24
N PRO A 146 -4.18 -17.17 20.39
CA PRO A 146 -2.98 -16.74 21.13
C PRO A 146 -2.38 -15.45 20.60
N PHE A 147 -2.49 -15.22 19.28
CA PHE A 147 -1.80 -14.12 18.61
C PHE A 147 -2.53 -12.76 18.60
N LEU A 148 -3.77 -12.75 19.10
CA LEU A 148 -4.61 -11.54 19.06
C LEU A 148 -3.89 -10.26 19.51
N LYS A 149 -3.29 -10.32 20.70
CA LYS A 149 -2.62 -9.17 21.31
C LYS A 149 -1.53 -8.59 20.39
N ASP A 150 -0.60 -9.44 19.96
CA ASP A 150 0.47 -9.03 19.03
C ASP A 150 -0.11 -8.47 17.73
N LEU A 151 -1.05 -9.21 17.14
CA LEU A 151 -1.68 -8.81 15.89
C LEU A 151 -2.22 -7.40 15.98
N LEU A 152 -3.03 -7.14 17.00
CA LEU A 152 -3.65 -5.84 17.17
C LEU A 152 -2.62 -4.74 17.44
N CYS A 153 -1.62 -5.02 18.27
CA CYS A 153 -0.59 -4.02 18.57
C CYS A 153 0.21 -3.62 17.34
N LEU A 154 0.64 -4.63 16.58
CA LEU A 154 1.32 -4.39 15.31
C LEU A 154 0.44 -3.59 14.37
N PHE A 155 -0.79 -4.07 14.19
CA PHE A 155 -1.77 -3.45 13.29
C PHE A 155 -1.94 -1.93 13.49
N GLN A 156 -2.17 -1.51 14.72
CA GLN A 156 -2.44 -0.12 15.04
C GLN A 156 -1.19 0.77 14.95
N LYS A 157 -0.02 0.15 15.00
CA LYS A 157 1.25 0.87 14.83
C LYS A 157 1.63 0.99 13.35
N VAL A 158 1.31 -0.05 12.57
CA VAL A 158 1.42 0.01 11.12
C VAL A 158 0.53 1.10 10.54
N ASP A 159 -0.69 1.17 11.08
CA ASP A 159 -1.69 2.14 10.66
C ASP A 159 -1.30 3.60 10.98
N TYR A 160 -0.90 3.86 12.23
CA TYR A 160 -0.32 5.16 12.63
C TYR A 160 0.83 5.56 11.72
N ALA A 161 1.74 4.61 11.50
CA ALA A 161 2.90 4.83 10.64
C ALA A 161 2.43 5.35 9.28
N THR A 162 1.48 4.62 8.67
CA THR A 162 0.93 4.98 7.36
C THR A 162 0.39 6.41 7.33
N ALA A 163 -0.34 6.78 8.37
CA ALA A 163 -0.96 8.09 8.41
C ALA A 163 0.09 9.20 8.56
N VAL A 164 1.16 8.92 9.32
CA VAL A 164 2.30 9.84 9.46
C VAL A 164 2.97 10.01 8.09
N GLY A 165 3.10 8.90 7.36
CA GLY A 165 3.59 8.92 5.99
C GLY A 165 2.78 9.81 5.06
N GLN A 166 1.45 9.73 5.18
CA GLN A 166 0.55 10.60 4.40
C GLN A 166 0.78 12.06 4.70
N MET A 167 0.96 12.39 5.96
CA MET A 167 1.27 13.76 6.37
C MET A 167 2.52 14.26 5.61
N TYR A 168 3.61 13.49 5.69
CA TYR A 168 4.83 13.81 4.94
C TYR A 168 4.57 13.92 3.43
N ASP A 169 3.61 13.15 2.94
CA ASP A 169 3.32 13.06 1.51
C ASP A 169 2.50 14.22 0.98
N VAL A 170 1.48 14.65 1.73
CA VAL A 170 0.60 15.73 1.28
C VAL A 170 1.18 17.11 1.54
N THR A 171 2.21 17.17 2.39
CA THR A 171 2.92 18.41 2.66
C THR A 171 4.36 18.35 2.12
N SER A 172 4.60 17.43 1.18
CA SER A 172 5.92 17.25 0.62
C SER A 172 6.30 18.36 -0.37
N MET A 173 5.29 19.10 -0.84
CA MET A 173 5.49 20.24 -1.76
C MET A 173 5.43 21.60 -1.08
N CYS A 174 5.54 21.60 0.25
CA CYS A 174 5.67 22.83 1.02
C CYS A 174 7.06 22.87 1.65
N ASP A 175 7.60 24.07 1.83
CA ASP A 175 8.80 24.25 2.63
C ASP A 175 8.45 24.00 4.09
N SER A 176 9.22 23.14 4.76
CA SER A 176 8.98 22.82 6.15
C SER A 176 8.81 24.08 7.02
N ASN A 177 9.72 25.04 6.89
CA ASN A 177 9.72 26.24 7.73
C ASN A 177 8.50 27.15 7.51
N LYS A 178 7.67 26.84 6.53
CA LYS A 178 6.49 27.65 6.23
C LYS A 178 5.17 27.05 6.72
N LEU A 179 5.21 25.79 7.16
CA LEU A 179 4.02 25.09 7.65
C LEU A 179 3.42 25.81 8.86
N ASP A 180 2.12 26.08 8.78
CA ASP A 180 1.41 26.93 9.72
C ASP A 180 -0.08 26.82 9.39
N PRO A 181 -0.89 26.25 10.31
CA PRO A 181 -2.33 26.10 10.10
C PRO A 181 -3.09 27.43 9.90
N GLU A 182 -2.54 28.51 10.42
CA GLU A 182 -3.16 29.84 10.34
C GLU A 182 -2.99 30.49 8.97
N VAL A 183 -1.93 30.11 8.25
CA VAL A 183 -1.57 30.73 6.96
C VAL A 183 -1.65 29.74 5.80
N ALA A 184 -2.39 30.12 4.75
CA ALA A 184 -2.53 29.30 3.54
C ALA A 184 -1.16 29.01 2.92
N GLN A 185 -0.93 27.73 2.58
CA GLN A 185 0.41 27.27 2.24
C GLN A 185 0.81 27.46 0.79
N PRO A 186 1.91 28.21 0.56
CA PRO A 186 2.50 28.36 -0.78
C PRO A 186 3.39 27.18 -1.21
N MET A 187 3.24 26.74 -2.45
CA MET A 187 4.06 25.66 -2.99
C MET A 187 5.52 26.08 -3.11
N THR A 188 6.41 25.14 -2.78
CA THR A 188 7.86 25.32 -2.84
C THR A 188 8.33 26.03 -4.12
N THR A 189 9.42 26.78 -4.03
CA THR A 189 10.07 27.31 -5.24
C THR A 189 11.49 26.77 -5.45
N ASP A 190 12.20 26.51 -4.35
CA ASP A 190 13.60 26.06 -4.43
C ASP A 190 13.74 24.54 -4.55
N PHE A 191 12.69 23.83 -4.15
CA PHE A 191 12.63 22.36 -4.19
C PHE A 191 13.79 21.72 -3.43
N ALA A 192 14.22 22.39 -2.36
CA ALA A 192 15.39 21.95 -1.60
C ALA A 192 15.10 20.69 -0.79
N GLU A 193 13.82 20.38 -0.63
CA GLU A 193 13.44 19.22 0.15
C GLU A 193 13.18 17.99 -0.73
N PHE A 194 13.43 18.14 -2.02
CA PHE A 194 13.38 17.02 -2.97
C PHE A 194 14.74 16.33 -2.99
N THR A 195 15.07 15.70 -1.87
CA THR A 195 16.34 15.01 -1.68
C THR A 195 16.05 13.55 -1.38
N PRO A 196 16.89 12.62 -1.88
CA PRO A 196 16.62 11.20 -1.67
C PRO A 196 16.25 10.86 -0.22
N ALA A 197 16.88 11.54 0.74
CA ALA A 197 16.65 11.31 2.15
C ALA A 197 15.22 11.63 2.57
N ILE A 198 14.70 12.75 2.06
CA ILE A 198 13.36 13.23 2.40
C ILE A 198 12.31 12.39 1.70
N TYR A 199 12.60 11.97 0.47
CA TYR A 199 11.74 11.05 -0.27
C TYR A 199 11.66 9.67 0.37
N LYS A 200 12.80 9.15 0.80
CA LYS A 200 12.86 7.81 1.41
C LYS A 200 12.07 7.78 2.70
N ARG A 201 12.01 8.93 3.37
CA ARG A 201 11.25 9.10 4.59
C ARG A 201 9.74 9.01 4.26
N ILE A 202 9.30 9.73 3.22
CA ILE A 202 7.90 9.70 2.79
C ILE A 202 7.41 8.26 2.50
N VAL A 203 8.22 7.52 1.76
CA VAL A 203 7.84 6.21 1.25
C VAL A 203 7.83 5.17 2.36
N LYS A 204 8.78 5.29 3.29
CA LYS A 204 8.95 4.34 4.39
C LYS A 204 7.65 4.18 5.14
N TYR A 205 7.11 5.32 5.58
CA TYR A 205 5.93 5.34 6.40
C TYR A 205 4.63 5.19 5.62
N LYS A 206 4.50 5.89 4.50
CA LYS A 206 3.24 5.86 3.71
C LYS A 206 2.99 4.55 2.95
N THR A 207 4.03 3.73 2.75
CA THR A 207 3.89 2.50 1.97
C THR A 207 4.40 1.23 2.66
N THR A 208 5.65 1.23 3.10
CA THR A 208 6.33 -0.04 3.42
C THR A 208 5.79 -0.81 4.63
N PHE A 209 5.35 -0.09 5.66
CA PHE A 209 4.77 -0.73 6.85
C PHE A 209 3.51 -1.53 6.54
N TYR A 210 2.55 -0.91 5.85
CA TYR A 210 1.29 -1.59 5.58
C TYR A 210 1.28 -2.53 4.37
N THR A 211 2.21 -2.32 3.44
CA THR A 211 2.25 -3.11 2.20
C THR A 211 3.17 -4.31 2.32
N TYR A 212 4.14 -4.24 3.21
CA TYR A 212 5.12 -5.32 3.34
C TYR A 212 5.35 -5.81 4.77
N LEU A 213 5.71 -4.93 5.69
CA LEU A 213 5.92 -5.42 7.05
C LEU A 213 4.70 -6.17 7.54
N LEU A 214 3.55 -5.51 7.47
CA LEU A 214 2.30 -6.00 8.06
C LEU A 214 1.89 -7.39 7.54
N PRO A 215 1.80 -7.58 6.21
CA PRO A 215 1.42 -8.92 5.76
C PRO A 215 2.44 -10.01 6.12
N LEU A 216 3.73 -9.71 5.96
CA LEU A 216 4.76 -10.69 6.27
C LEU A 216 4.66 -11.14 7.73
N VAL A 217 4.70 -10.19 8.66
CA VAL A 217 4.64 -10.50 10.10
C VAL A 217 3.28 -11.08 10.51
N MET A 218 2.21 -10.65 9.84
CA MET A 218 0.87 -11.18 10.07
C MET A 218 0.84 -12.68 9.80
N GLY A 219 1.30 -13.09 8.63
CA GLY A 219 1.38 -14.49 8.25
C GLY A 219 2.25 -15.32 9.19
N LEU A 220 3.18 -14.66 9.87
CA LEU A 220 3.95 -15.29 10.94
C LEU A 220 3.08 -15.46 12.20
N PHE A 221 2.31 -14.44 12.54
CA PHE A 221 1.39 -14.50 13.68
C PHE A 221 0.40 -15.67 13.59
N VAL A 222 -0.33 -15.76 12.49
CA VAL A 222 -1.32 -16.82 12.34
C VAL A 222 -0.67 -18.19 12.38
N SER A 223 0.62 -18.22 12.08
CA SER A 223 1.44 -19.44 12.15
C SER A 223 2.12 -19.58 13.51
N GLU A 224 2.14 -18.49 14.27
CA GLU A 224 2.76 -18.43 15.60
C GLU A 224 4.27 -18.69 15.51
N ALA A 225 4.85 -18.25 14.39
CA ALA A 225 6.26 -18.44 14.09
C ALA A 225 7.09 -17.15 14.12
N ALA A 226 6.68 -16.20 14.94
CA ALA A 226 7.41 -14.93 15.13
C ALA A 226 8.81 -15.11 15.72
N ALA A 227 8.94 -16.05 16.67
CA ALA A 227 10.23 -16.35 17.32
C ALA A 227 11.19 -17.05 16.36
N SER A 228 10.61 -17.85 15.46
CA SER A 228 11.32 -18.62 14.45
C SER A 228 12.09 -17.80 13.39
N VAL A 229 11.99 -16.47 13.44
CA VAL A 229 12.63 -15.58 12.43
C VAL A 229 13.36 -14.40 13.08
N GLU A 230 14.20 -13.72 12.29
CA GLU A 230 14.94 -12.55 12.76
C GLU A 230 14.24 -11.25 12.31
N MET A 231 13.54 -10.61 13.25
CA MET A 231 12.76 -9.40 12.94
C MET A 231 13.55 -8.27 12.26
N ASN A 232 14.73 -7.96 12.77
CA ASN A 232 15.58 -6.90 12.19
C ASN A 232 15.80 -7.09 10.68
N LEU A 233 15.80 -8.34 10.23
CA LEU A 233 15.90 -8.65 8.82
C LEU A 233 14.56 -8.49 8.12
N VAL A 234 13.48 -8.89 8.79
CA VAL A 234 12.13 -8.76 8.24
C VAL A 234 11.80 -7.29 8.06
N GLU A 235 12.12 -6.50 9.07
CA GLU A 235 11.94 -5.05 9.00
C GLU A 235 12.71 -4.46 7.81
N ARG A 236 13.95 -4.91 7.64
CA ARG A 236 14.83 -4.38 6.60
C ARG A 236 14.45 -4.81 5.19
N VAL A 237 14.05 -6.07 5.04
CA VAL A 237 13.62 -6.56 3.73
C VAL A 237 12.30 -5.88 3.29
N ALA A 238 11.39 -5.67 4.23
CA ALA A 238 10.10 -5.04 3.96
C ALA A 238 10.25 -3.57 3.54
N HIS A 239 11.10 -2.82 4.25
N HIS A 239 11.09 -2.83 4.26
CA HIS A 239 11.33 -1.41 3.93
CA HIS A 239 11.39 -1.42 3.97
C HIS A 239 12.00 -1.21 2.57
C HIS A 239 11.95 -1.25 2.56
N LEU A 240 12.84 -2.17 2.18
CA LEU A 240 13.57 -2.12 0.91
C LEU A 240 12.71 -2.48 -0.29
N ILE A 241 11.95 -3.57 -0.19
CA ILE A 241 10.97 -3.93 -1.22
C ILE A 241 9.88 -2.86 -1.34
N GLY A 242 9.40 -2.35 -0.21
CA GLY A 242 8.33 -1.36 -0.19
C GLY A 242 8.70 -0.05 -0.85
N GLU A 243 9.93 0.40 -0.62
CA GLU A 243 10.46 1.60 -1.26
C GLU A 243 10.55 1.40 -2.76
N TYR A 244 10.92 0.19 -3.16
CA TYR A 244 10.97 -0.18 -4.57
C TYR A 244 9.57 -0.16 -5.17
N PHE A 245 8.63 -0.82 -4.48
CA PHE A 245 7.22 -0.88 -4.87
C PHE A 245 6.67 0.52 -5.09
N GLN A 246 7.08 1.45 -4.22
CA GLN A 246 6.61 2.83 -4.32
C GLN A 246 7.32 3.55 -5.45
N VAL A 247 8.62 3.32 -5.60
CA VAL A 247 9.35 3.83 -6.75
C VAL A 247 8.69 3.33 -8.03
N GLN A 248 8.35 2.05 -8.05
CA GLN A 248 7.60 1.48 -9.18
C GLN A 248 6.34 2.29 -9.46
N ASP A 249 5.52 2.47 -8.42
CA ASP A 249 4.22 3.16 -8.48
C ASP A 249 4.40 4.57 -9.02
N ASP A 250 5.49 5.22 -8.61
CA ASP A 250 5.83 6.59 -9.04
C ASP A 250 6.12 6.67 -10.53
N VAL A 251 6.92 5.74 -11.05
CA VAL A 251 7.28 5.71 -12.46
C VAL A 251 6.05 5.49 -13.32
N MET A 252 5.16 4.63 -12.85
CA MET A 252 3.93 4.28 -13.57
C MET A 252 2.93 5.45 -13.60
N ASP A 253 2.95 6.27 -12.56
CA ASP A 253 2.09 7.46 -12.49
C ASP A 253 2.41 8.43 -13.64
N CYS A 254 3.67 8.42 -14.07
CA CYS A 254 4.11 9.22 -15.21
C CYS A 254 3.89 8.51 -16.56
N PHE A 255 4.36 7.26 -16.66
CA PHE A 255 4.59 6.65 -17.97
C PHE A 255 3.63 5.55 -18.39
N THR A 256 3.04 4.85 -17.42
CA THR A 256 2.13 3.75 -17.75
C THR A 256 0.73 4.32 -18.01
N PRO A 257 0.22 4.11 -19.25
CA PRO A 257 -1.11 4.62 -19.62
C PRO A 257 -2.20 4.08 -18.70
N PRO A 258 -3.20 4.93 -18.36
CA PRO A 258 -4.26 4.55 -17.41
C PRO A 258 -5.04 3.32 -17.84
N GLU A 259 -4.99 3.02 -19.14
CA GLU A 259 -5.72 1.91 -19.73
C GLU A 259 -5.27 0.58 -19.09
N GLN A 260 -4.01 0.53 -18.67
CA GLN A 260 -3.40 -0.66 -18.05
C GLN A 260 -3.28 -0.56 -16.53
N LEU A 261 -3.13 0.66 -16.01
CA LEU A 261 -2.73 0.90 -14.63
C LEU A 261 -3.59 0.31 -13.49
N GLY A 262 -4.90 0.55 -13.39
CA GLY A 262 -5.66 1.48 -14.20
C GLY A 262 -6.18 2.60 -13.32
N LYS A 263 -5.34 3.62 -13.17
CA LYS A 263 -5.70 4.87 -12.53
C LYS A 263 -5.03 5.98 -13.34
N VAL A 264 -5.46 7.22 -13.13
CA VAL A 264 -4.91 8.37 -13.84
C VAL A 264 -3.94 9.09 -12.91
N GLY A 265 -2.76 9.38 -13.43
CA GLY A 265 -1.71 10.02 -12.66
C GLY A 265 -2.06 11.43 -12.22
N THR A 266 -1.47 11.85 -11.11
CA THR A 266 -1.75 13.16 -10.53
C THR A 266 -0.52 13.72 -9.84
N ASP A 267 0.58 12.98 -9.91
CA ASP A 267 1.83 13.33 -9.19
C ASP A 267 2.44 14.64 -9.64
N ILE A 268 2.44 14.89 -10.95
CA ILE A 268 2.98 16.15 -11.48
C ILE A 268 2.03 17.32 -11.19
N GLU A 269 0.77 17.16 -11.60
CA GLU A 269 -0.32 18.10 -11.32
C GLU A 269 -0.41 18.46 -9.83
N ASP A 270 -0.16 17.49 -8.97
CA ASP A 270 -0.28 17.67 -7.52
C ASP A 270 1.00 18.09 -6.79
N ALA A 271 2.09 18.22 -7.56
CA ALA A 271 3.41 18.60 -7.03
C ALA A 271 4.02 17.56 -6.09
N LYS A 272 3.73 16.29 -6.33
CA LYS A 272 4.21 15.21 -5.47
C LYS A 272 5.72 15.02 -5.52
N CYS A 273 6.32 14.88 -4.35
CA CYS A 273 7.74 14.54 -4.24
C CYS A 273 7.94 13.09 -4.68
N SER A 274 7.81 12.86 -5.99
CA SER A 274 7.90 11.52 -6.56
C SER A 274 9.35 11.08 -6.78
N TRP A 275 9.56 9.81 -7.10
CA TRP A 275 10.90 9.33 -7.38
C TRP A 275 11.47 10.01 -8.62
N LEU A 276 10.65 10.08 -9.66
CA LEU A 276 11.03 10.74 -10.90
C LEU A 276 11.59 12.15 -10.68
N ALA A 277 10.85 12.99 -9.95
CA ALA A 277 11.24 14.38 -9.70
C ALA A 277 12.57 14.49 -8.92
N VAL A 278 12.71 13.70 -7.87
CA VAL A 278 13.91 13.73 -7.02
C VAL A 278 15.15 13.34 -7.82
N THR A 279 15.06 12.20 -8.50
CA THR A 279 16.13 11.72 -9.38
C THR A 279 16.52 12.76 -10.45
N PHE A 280 15.50 13.34 -11.09
CA PHE A 280 15.68 14.41 -12.06
C PHE A 280 16.56 15.53 -11.50
N LEU A 281 16.08 16.20 -10.45
CA LEU A 281 16.86 17.23 -9.75
C LEU A 281 18.22 16.72 -9.25
N GLY A 282 18.37 15.40 -9.17
CA GLY A 282 19.65 14.78 -8.78
C GLY A 282 20.64 14.60 -9.92
N LYS A 283 20.28 15.07 -11.12
CA LYS A 283 21.11 14.88 -12.29
C LYS A 283 21.03 16.01 -13.31
N ALA A 284 19.95 16.78 -13.27
CA ALA A 284 19.70 17.82 -14.27
C ALA A 284 20.73 18.94 -14.21
N ASN A 285 20.89 19.64 -15.33
CA ASN A 285 21.72 20.84 -15.37
C ASN A 285 20.89 22.06 -14.98
N ALA A 286 21.55 23.21 -14.85
CA ALA A 286 20.91 24.44 -14.38
C ALA A 286 19.68 24.85 -15.20
N ALA A 287 19.79 24.73 -16.52
CA ALA A 287 18.71 25.14 -17.42
C ALA A 287 17.51 24.20 -17.37
N GLN A 288 17.78 22.89 -17.30
CA GLN A 288 16.73 21.86 -17.18
C GLN A 288 15.96 22.04 -15.87
N VAL A 289 16.69 22.14 -14.77
CA VAL A 289 16.16 22.44 -13.44
C VAL A 289 15.26 23.69 -13.48
N ALA A 290 15.66 24.69 -14.25
CA ALA A 290 14.91 25.94 -14.37
C ALA A 290 13.55 25.78 -15.06
N GLU A 291 13.49 24.94 -16.10
CA GLU A 291 12.26 24.76 -16.85
C GLU A 291 11.26 23.97 -16.01
N PHE A 292 11.77 22.99 -15.28
CA PHE A 292 10.98 22.21 -14.34
C PHE A 292 10.17 23.13 -13.41
N LYS A 293 10.88 24.04 -12.74
CA LYS A 293 10.29 24.94 -11.75
C LYS A 293 9.19 25.86 -12.29
N ALA A 294 9.17 26.05 -13.60
CA ALA A 294 8.17 26.91 -14.24
C ALA A 294 7.03 26.10 -14.86
N ASN A 295 7.03 24.79 -14.61
CA ASN A 295 6.08 23.89 -15.25
C ASN A 295 5.52 22.79 -14.34
N TYR A 296 6.12 22.64 -13.16
CA TYR A 296 5.71 21.61 -12.21
C TYR A 296 4.66 22.11 -11.24
N GLY A 297 3.84 21.19 -10.74
CA GLY A 297 2.80 21.50 -9.76
C GLY A 297 1.60 22.22 -10.35
N ASP A 298 1.36 22.01 -11.64
CA ASP A 298 0.29 22.68 -12.36
C ASP A 298 -0.57 21.68 -13.12
N LYS A 299 -1.88 21.89 -13.09
CA LYS A 299 -2.84 21.01 -13.78
C LYS A 299 -2.94 21.27 -15.28
N ASP A 300 -2.33 22.36 -15.74
CA ASP A 300 -2.32 22.71 -17.16
C ASP A 300 -1.62 21.61 -17.96
N PRO A 301 -2.35 20.96 -18.88
CA PRO A 301 -1.89 19.77 -19.62
C PRO A 301 -0.53 19.94 -20.31
N ALA A 302 -0.34 21.07 -20.99
CA ALA A 302 0.93 21.37 -21.65
C ALA A 302 2.11 21.48 -20.67
N LYS A 303 1.86 22.07 -19.49
CA LYS A 303 2.85 22.14 -18.44
C LYS A 303 3.19 20.74 -17.88
N VAL A 304 2.19 19.88 -17.77
CA VAL A 304 2.41 18.47 -17.41
C VAL A 304 3.23 17.79 -18.52
N ALA A 305 2.87 18.09 -19.77
CA ALA A 305 3.56 17.54 -20.93
C ALA A 305 5.01 18.00 -21.04
N VAL A 306 5.27 19.24 -20.60
CA VAL A 306 6.63 19.80 -20.52
C VAL A 306 7.48 19.03 -19.49
N VAL A 307 6.83 18.56 -18.42
CA VAL A 307 7.51 17.81 -17.37
C VAL A 307 7.78 16.35 -17.79
N LYS A 308 6.81 15.74 -18.46
CA LYS A 308 6.96 14.38 -18.99
C LYS A 308 8.08 14.32 -20.04
N ARG A 309 8.18 15.40 -20.81
CA ARG A 309 9.20 15.61 -21.81
C ARG A 309 10.59 15.61 -21.14
N LEU A 310 10.76 16.50 -20.17
CA LEU A 310 12.03 16.62 -19.44
C LEU A 310 12.51 15.30 -18.81
N TYR A 311 11.57 14.46 -18.37
CA TYR A 311 11.89 13.15 -17.78
C TYR A 311 12.43 12.15 -18.81
N SER A 312 11.79 12.08 -19.98
CA SER A 312 12.30 11.27 -21.11
C SER A 312 13.69 11.77 -21.50
N GLU A 313 13.80 13.08 -21.70
CA GLU A 313 15.05 13.71 -22.12
C GLU A 313 16.17 13.46 -21.12
N ALA A 314 15.85 13.58 -19.83
CA ALA A 314 16.83 13.36 -18.76
C ALA A 314 17.12 11.88 -18.53
N ASN A 315 16.57 11.03 -19.40
CA ASN A 315 16.87 9.59 -19.42
C ASN A 315 16.84 8.98 -18.02
N LEU A 316 15.65 8.94 -17.43
CA LEU A 316 15.49 8.49 -16.05
C LEU A 316 15.42 6.98 -15.89
N GLN A 317 14.96 6.29 -16.93
CA GLN A 317 14.91 4.83 -16.94
C GLN A 317 16.31 4.19 -16.75
N ALA A 318 17.36 4.99 -16.99
CA ALA A 318 18.73 4.55 -16.75
C ALA A 318 19.07 4.56 -15.26
N ASP A 319 18.67 5.64 -14.57
CA ASP A 319 18.79 5.74 -13.12
C ASP A 319 17.90 4.72 -12.42
N PHE A 320 16.84 4.28 -13.10
CA PHE A 320 15.95 3.23 -12.58
C PHE A 320 16.65 1.88 -12.51
N ALA A 321 17.34 1.51 -13.59
CA ALA A 321 18.01 0.20 -13.68
C ALA A 321 19.21 0.09 -12.73
N ALA A 322 19.87 1.22 -12.47
CA ALA A 322 20.96 1.28 -11.50
C ALA A 322 20.43 1.13 -10.07
N TYR A 323 19.20 1.60 -9.87
CA TYR A 323 18.48 1.47 -8.61
C TYR A 323 17.91 0.05 -8.47
N GLU A 324 17.24 -0.43 -9.52
CA GLU A 324 16.69 -1.79 -9.59
C GLU A 324 17.75 -2.86 -9.34
N ALA A 325 18.88 -2.76 -10.03
CA ALA A 325 20.01 -3.66 -9.81
C ALA A 325 20.50 -3.58 -8.36
N GLU A 326 20.67 -2.37 -7.86
CA GLU A 326 21.10 -2.15 -6.47
C GLU A 326 20.13 -2.78 -5.46
N VAL A 327 18.84 -2.79 -5.82
CA VAL A 327 17.80 -3.38 -4.97
C VAL A 327 17.82 -4.92 -4.99
N VAL A 328 17.87 -5.52 -6.18
CA VAL A 328 17.98 -6.99 -6.32
C VAL A 328 19.19 -7.55 -5.57
N ARG A 329 20.34 -6.88 -5.71
CA ARG A 329 21.52 -7.14 -4.87
C ARG A 329 21.10 -7.22 -3.40
N GLU A 330 20.62 -6.11 -2.86
CA GLU A 330 20.27 -5.99 -1.44
C GLU A 330 19.14 -6.91 -1.02
N VAL A 331 18.16 -7.12 -1.90
CA VAL A 331 17.05 -8.02 -1.63
C VAL A 331 17.52 -9.48 -1.55
N GLU A 332 18.24 -9.94 -2.58
N GLU A 332 18.24 -9.94 -2.56
CA GLU A 332 18.80 -11.30 -2.60
CA GLU A 332 18.75 -11.31 -2.55
C GLU A 332 19.74 -11.53 -1.41
C GLU A 332 19.76 -11.55 -1.42
N SER A 333 20.54 -10.52 -1.10
CA SER A 333 21.44 -10.53 0.06
C SER A 333 20.65 -10.75 1.36
N LEU A 334 19.63 -9.92 1.59
CA LEU A 334 18.79 -10.04 2.79
C LEU A 334 18.04 -11.37 2.90
N ILE A 335 17.70 -11.96 1.75
CA ILE A 335 17.07 -13.28 1.73
C ILE A 335 18.04 -14.35 2.23
N GLU A 336 19.30 -14.24 1.83
CA GLU A 336 20.36 -15.16 2.29
C GLU A 336 20.46 -15.21 3.81
N GLN A 337 20.52 -14.04 4.44
CA GLN A 337 20.63 -13.92 5.90
C GLN A 337 19.42 -14.55 6.63
N LEU A 338 18.28 -14.64 5.93
CA LEU A 338 17.05 -15.26 6.46
C LEU A 338 17.04 -16.78 6.32
N LYS A 339 17.72 -17.31 5.30
CA LYS A 339 17.83 -18.76 5.06
C LYS A 339 18.39 -19.53 6.27
N VAL A 340 19.12 -18.81 7.13
CA VAL A 340 19.74 -19.36 8.35
C VAL A 340 18.67 -19.87 9.32
N LYS A 341 17.98 -18.95 9.98
CA LYS A 341 16.96 -19.28 10.97
C LYS A 341 15.68 -19.86 10.35
N SER A 342 15.21 -19.25 9.27
CA SER A 342 13.90 -19.55 8.72
C SER A 342 13.93 -19.65 7.20
N PRO A 343 14.18 -20.87 6.67
CA PRO A 343 14.25 -21.10 5.23
C PRO A 343 12.92 -20.89 4.55
N THR A 344 11.85 -21.26 5.24
CA THR A 344 10.49 -21.20 4.69
C THR A 344 9.99 -19.77 4.51
N PHE A 345 10.40 -18.89 5.42
CA PHE A 345 10.08 -17.48 5.32
C PHE A 345 10.94 -16.74 4.29
N ALA A 346 12.15 -17.25 4.03
CA ALA A 346 13.02 -16.70 2.99
C ALA A 346 12.42 -16.89 1.59
N GLU A 347 12.01 -18.12 1.28
CA GLU A 347 11.37 -18.39 0.00
C GLU A 347 10.04 -17.66 -0.12
N SER A 348 9.37 -17.43 1.03
CA SER A 348 8.14 -16.63 1.04
C SER A 348 8.41 -15.20 0.55
N VAL A 349 9.45 -14.59 1.10
CA VAL A 349 9.92 -13.28 0.67
C VAL A 349 10.34 -13.30 -0.80
N ALA A 350 11.11 -14.32 -1.19
CA ALA A 350 11.55 -14.47 -2.59
C ALA A 350 10.36 -14.39 -3.56
N VAL A 351 9.29 -15.11 -3.24
CA VAL A 351 8.06 -15.15 -4.04
C VAL A 351 7.39 -13.77 -4.11
N VAL A 352 7.34 -13.09 -2.97
CA VAL A 352 6.78 -11.74 -2.89
C VAL A 352 7.66 -10.76 -3.67
N TRP A 353 8.97 -10.97 -3.60
CA TRP A 353 9.89 -10.17 -4.39
C TRP A 353 9.72 -10.36 -5.89
N GLU A 354 9.60 -11.61 -6.35
CA GLU A 354 9.32 -11.87 -7.77
C GLU A 354 8.00 -11.24 -8.22
N LYS A 355 6.96 -11.39 -7.42
CA LYS A 355 5.65 -10.79 -7.69
C LYS A 355 5.78 -9.28 -7.89
N THR A 356 6.54 -8.66 -7.00
CA THR A 356 6.74 -7.21 -6.98
C THR A 356 7.61 -6.75 -8.14
N HIS A 357 8.75 -7.42 -8.32
CA HIS A 357 9.73 -7.06 -9.35
C HIS A 357 9.15 -7.12 -10.76
N LYS A 358 8.21 -8.03 -10.99
CA LYS A 358 7.63 -8.19 -12.33
C LYS A 358 6.19 -7.70 -12.48
N ARG A 359 5.73 -6.86 -11.55
CA ARG A 359 4.40 -6.25 -11.67
C ARG A 359 4.42 -5.10 -12.68
N LYS A 360 3.28 -4.85 -13.31
CA LYS A 360 3.16 -3.76 -14.27
C LYS A 360 1.89 -2.92 -14.05
N LYS A 361 1.13 -3.29 -13.02
CA LYS A 361 -0.25 -2.82 -12.83
C LYS A 361 -0.49 -2.28 -11.41
MG MG B . 1.35 7.10 -6.80
MG MG C . -2.84 8.82 -5.02
MG MG D . -1.37 9.98 -2.36
O1 0MW E . -2.89 6.99 -5.55
P1 0MW E . -1.86 5.91 -5.29
O2 0MW E . -0.63 6.03 -6.14
O3 0MW E . -2.46 4.52 -5.25
C9 0MW E . -1.37 6.27 -3.57
P2 0MW E . 0.03 7.43 -3.62
O5 0MW E . 0.99 6.93 -4.65
O4 0MW E . -0.68 8.70 -4.02
O6 0MW E . 0.65 7.45 -2.24
C8 0MW E . -1.09 4.97 -2.81
N1 0MW E . -0.52 5.19 -1.46
C7 0MW E . -1.55 5.17 -0.43
C6 0MW E . -1.23 6.24 0.60
C5 0MW E . -1.68 5.86 2.00
C4 0MW E . -3.00 6.54 2.28
C3 0MW E . -3.22 6.83 3.76
C2 0MW E . -4.48 7.64 3.94
C1 IPE F . -0.79 1.04 -5.73
O1 IPE F . -1.25 -0.30 -6.03
C2 IPE F . -1.21 1.56 -4.35
C3 IPE F . -0.01 1.98 -3.51
C4 IPE F . -0.05 1.92 -2.19
C5 IPE F . 1.26 2.51 -4.14
PA IPE F . -1.62 -1.35 -4.86
O1A IPE F . -1.23 -0.70 -3.57
O2A IPE F . -1.06 -2.71 -5.19
O3A IPE F . -3.24 -1.38 -4.90
PB IPE F . -4.22 -2.61 -5.29
O1B IPE F . -4.71 -2.22 -6.67
O2B IPE F . -5.30 -2.47 -4.25
O3B IPE F . -3.42 -3.89 -5.23
NA NA G . -18.92 -11.49 17.93
#